data_2X34
#
_entry.id   2X34
#
_cell.length_a   62.979
_cell.length_b   64.964
_cell.length_c   84.191
_cell.angle_alpha   90.00
_cell.angle_beta   90.00
_cell.angle_gamma   90.00
#
_symmetry.space_group_name_H-M   'P 21 21 21'
#
loop_
_entity.id
_entity.type
_entity.pdbx_description
1 polymer 'CELLULOSE-BINDING PROTEIN, X158'
2 non-polymer Ubiquinone-8
3 water water
#
_entity_poly.entity_id   1
_entity_poly.type   'polypeptide(L)'
_entity_poly.pdbx_seq_one_letter_code
;(MSE)KLAYSLDATASFLNFVSSKKTHVLETHRFDVLSGGISTAGEAQLVIDLNSVNTGIDVRNGR(MSE)RDYLFETAT
YSVATVTVPVDLAAVAGLAVGED(MSE)LVDVSATLDLHGVPGVIDTQLNVQRLSATRI(MSE)VQNQSPLLIKAADYSL
EAGIETLRNLASLNVISTTVPVDFVLFYEAPHHHHHH
;
_entity_poly.pdbx_strand_id   A,B
#
# COMPACT_ATOMS: atom_id res chain seq x y z
N LYS A 2 -8.63 -11.67 -29.10
CA LYS A 2 -9.09 -12.17 -27.78
C LYS A 2 -8.79 -11.20 -26.64
N LEU A 3 -7.52 -10.84 -26.50
CA LEU A 3 -7.08 -9.95 -25.40
C LEU A 3 -6.58 -8.59 -25.87
N ALA A 4 -7.12 -7.53 -25.29
CA ALA A 4 -6.59 -6.18 -25.53
C ALA A 4 -5.41 -5.87 -24.61
N TYR A 5 -5.39 -6.49 -23.42
CA TYR A 5 -4.29 -6.34 -22.46
C TYR A 5 -4.02 -7.65 -21.71
N SER A 6 -2.76 -7.89 -21.35
CA SER A 6 -2.36 -8.99 -20.49
C SER A 6 -1.82 -8.42 -19.20
N LEU A 7 -2.06 -9.10 -18.10
CA LEU A 7 -1.47 -8.67 -16.82
C LEU A 7 0.04 -8.95 -16.87
N ASP A 8 0.85 -7.96 -16.47
CA ASP A 8 2.30 -8.15 -16.21
C ASP A 8 2.39 -8.76 -14.81
N ALA A 9 2.47 -10.08 -14.76
CA ALA A 9 2.29 -10.82 -13.51
C ALA A 9 3.39 -10.55 -12.53
N THR A 10 4.62 -10.46 -13.00
CA THR A 10 5.72 -10.24 -12.05
C THR A 10 5.81 -8.79 -11.51
N ALA A 11 5.32 -7.80 -12.26
CA ALA A 11 5.34 -6.41 -11.77
C ALA A 11 4.17 -6.06 -10.84
N SER A 12 3.13 -6.87 -10.88
CA SER A 12 1.88 -6.55 -10.21
C SER A 12 1.87 -7.17 -8.80
N PHE A 13 1.18 -6.55 -7.85
CA PHE A 13 1.07 -7.11 -6.51
C PHE A 13 -0.31 -6.86 -5.92
N LEU A 14 -0.70 -7.73 -5.00
CA LEU A 14 -1.90 -7.55 -4.23
C LEU A 14 -1.63 -8.05 -2.81
N ASN A 15 -1.81 -7.12 -1.87
CA ASN A 15 -1.49 -7.32 -0.47
C ASN A 15 -2.80 -7.33 0.33
N PHE A 16 -2.76 -7.96 1.50
CA PHE A 16 -3.87 -7.83 2.47
C PHE A 16 -3.32 -7.77 3.88
N VAL A 17 -4.08 -7.18 4.79
CA VAL A 17 -3.55 -6.88 6.12
C VAL A 17 -4.40 -7.56 7.22
N SER A 18 -3.74 -8.35 8.05
CA SER A 18 -4.40 -8.89 9.23
C SER A 18 -4.03 -8.08 10.45
N SER A 19 -4.90 -8.15 11.46
CA SER A 19 -4.61 -7.63 12.79
C SER A 19 -4.93 -8.69 13.84
N LYS A 20 -3.96 -9.00 14.69
CA LYS A 20 -4.14 -9.92 15.84
C LYS A 20 -3.75 -9.21 17.13
N LYS A 21 -4.30 -9.69 18.25
CA LYS A 21 -4.00 -9.13 19.58
C LYS A 21 -4.34 -7.63 19.62
N THR A 22 -3.52 -6.81 20.27
CA THR A 22 -3.75 -5.37 20.28
C THR A 22 -3.10 -4.67 19.10
N HIS A 23 -3.77 -4.74 17.96
CA HIS A 23 -3.31 -4.03 16.76
C HIS A 23 -1.86 -4.41 16.34
N VAL A 24 -1.59 -5.71 16.30
CA VAL A 24 -0.40 -6.24 15.64
C VAL A 24 -0.75 -6.48 14.16
N LEU A 25 -0.43 -5.50 13.33
CA LEU A 25 -0.76 -5.56 11.90
CA LEU A 25 -0.74 -5.53 11.90
C LEU A 25 0.35 -6.25 11.11
N GLU A 26 -0.05 -7.12 10.19
CA GLU A 26 0.88 -7.77 9.29
C GLU A 26 0.33 -7.70 7.88
N THR A 27 1.18 -7.31 6.93
CA THR A 27 0.81 -7.31 5.52
C THR A 27 1.30 -8.61 4.85
N HIS A 28 0.36 -9.28 4.21
CA HIS A 28 0.61 -10.53 3.47
C HIS A 28 0.41 -10.28 1.98
N ARG A 29 0.93 -11.17 1.16
CA ARG A 29 0.81 -11.01 -0.29
C ARG A 29 0.41 -12.34 -0.94
N PHE A 30 -0.13 -12.24 -2.15
CA PHE A 30 -0.27 -13.37 -3.06
C PHE A 30 0.83 -13.19 -4.10
N ASP A 31 1.73 -14.16 -4.14
CA ASP A 31 2.90 -14.08 -5.03
C ASP A 31 2.57 -14.39 -6.50
N VAL A 32 1.40 -14.95 -6.77
CA VAL A 32 1.05 -15.29 -8.13
C VAL A 32 -0.32 -14.70 -8.49
N LEU A 33 -0.31 -13.80 -9.47
CA LEU A 33 -1.51 -13.20 -10.05
C LEU A 33 -1.44 -13.41 -11.56
N SER A 34 -2.61 -13.54 -12.17
CA SER A 34 -2.67 -13.55 -13.62
C SER A 34 -3.86 -12.71 -14.04
N GLY A 35 -3.94 -12.44 -15.32
CA GLY A 35 -5.14 -11.79 -15.82
C GLY A 35 -5.00 -11.15 -17.14
N GLY A 36 -6.06 -10.45 -17.52
CA GLY A 36 -6.09 -9.79 -18.80
C GLY A 36 -7.35 -9.03 -18.97
N ILE A 37 -7.44 -8.30 -20.08
CA ILE A 37 -8.61 -7.57 -20.44
C ILE A 37 -9.00 -7.97 -21.86
N SER A 38 -10.20 -8.52 -22.01
CA SER A 38 -10.66 -8.96 -23.32
C SER A 38 -11.00 -7.77 -24.24
N THR A 39 -10.95 -8.01 -25.55
CA THR A 39 -11.40 -7.05 -26.55
C THR A 39 -12.92 -6.74 -26.44
N ALA A 40 -13.65 -7.59 -25.72
CA ALA A 40 -15.06 -7.31 -25.42
C ALA A 40 -15.23 -6.43 -24.17
N GLY A 41 -14.12 -6.06 -23.54
CA GLY A 41 -14.13 -5.08 -22.42
C GLY A 41 -14.35 -5.69 -21.06
N GLU A 42 -13.84 -6.90 -20.83
CA GLU A 42 -13.96 -7.51 -19.53
C GLU A 42 -12.58 -7.74 -18.95
N ALA A 43 -12.29 -7.02 -17.88
CA ALA A 43 -11.01 -7.08 -17.22
C ALA A 43 -11.11 -8.19 -16.19
N GLN A 44 -10.05 -8.97 -16.05
CA GLN A 44 -10.03 -10.01 -15.03
C GLN A 44 -8.73 -10.00 -14.25
N LEU A 45 -8.82 -10.27 -12.96
CA LEU A 45 -7.64 -10.53 -12.13
C LEU A 45 -7.89 -11.88 -11.47
N VAL A 46 -6.95 -12.80 -11.65
CA VAL A 46 -7.06 -14.10 -11.03
C VAL A 46 -5.99 -14.20 -9.95
N ILE A 47 -6.42 -14.39 -8.69
CA ILE A 47 -5.51 -14.45 -7.55
C ILE A 47 -5.28 -15.94 -7.16
N ASP A 48 -4.03 -16.37 -7.20
CA ASP A 48 -3.70 -17.76 -6.88
C ASP A 48 -3.61 -17.85 -5.36
N LEU A 49 -4.64 -18.43 -4.75
CA LEU A 49 -4.74 -18.50 -3.30
C LEU A 49 -3.68 -19.42 -2.67
N ASN A 50 -3.19 -20.38 -3.44
CA ASN A 50 -2.06 -21.21 -2.99
C ASN A 50 -0.75 -20.44 -2.89
N SER A 51 -0.68 -19.25 -3.49
CA SER A 51 0.54 -18.44 -3.46
C SER A 51 0.59 -17.46 -2.29
N VAL A 52 -0.32 -17.61 -1.34
CA VAL A 52 -0.36 -16.75 -0.16
C VAL A 52 0.98 -16.83 0.55
N ASN A 53 1.47 -15.66 0.94
CA ASN A 53 2.80 -15.51 1.56
C ASN A 53 2.71 -14.58 2.78
N THR A 54 2.75 -15.19 3.96
CA THR A 54 2.64 -14.48 5.23
C THR A 54 3.98 -14.46 5.94
N GLY A 55 5.03 -14.97 5.28
CA GLY A 55 6.35 -15.06 5.84
C GLY A 55 6.61 -16.24 6.75
N ILE A 56 5.58 -17.04 7.02
CA ILE A 56 5.66 -18.10 8.01
C ILE A 56 5.01 -19.34 7.37
N ASP A 57 5.81 -20.38 7.12
CA ASP A 57 5.30 -21.53 6.32
C ASP A 57 4.11 -22.23 6.97
N VAL A 58 4.19 -22.48 8.27
CA VAL A 58 3.07 -23.11 8.99
C VAL A 58 1.79 -22.26 8.83
N ARG A 59 1.89 -20.96 9.00
CA ARG A 59 0.73 -20.08 8.83
C ARG A 59 0.20 -20.14 7.41
N ASN A 60 1.09 -20.15 6.42
CA ASN A 60 0.68 -20.14 5.04
C ASN A 60 -0.18 -21.37 4.78
N GLY A 61 0.28 -22.52 5.31
CA GLY A 61 -0.42 -23.80 5.20
C GLY A 61 -1.79 -23.80 5.82
N ARG A 62 -1.88 -23.23 7.01
CA ARG A 62 -3.16 -23.06 7.68
C ARG A 62 -4.13 -22.15 6.89
N ARG A 64 -4.11 -21.71 3.58
CA ARG A 64 -4.52 -22.49 2.42
C ARG A 64 -5.57 -23.53 2.80
N ASP A 65 -5.32 -24.27 3.87
CA ASP A 65 -6.14 -25.43 4.21
C ASP A 65 -7.46 -25.09 4.91
N TYR A 66 -7.41 -24.16 5.85
CA TYR A 66 -8.51 -23.91 6.77
C TYR A 66 -9.19 -22.57 6.58
N LEU A 67 -8.56 -21.64 5.86
CA LEU A 67 -9.21 -20.37 5.56
C LEU A 67 -9.76 -20.38 4.14
N PHE A 68 -8.88 -20.37 3.14
CA PHE A 68 -9.31 -20.33 1.75
C PHE A 68 -9.81 -21.69 1.30
N GLU A 69 -9.35 -22.76 1.93
CA GLU A 69 -9.74 -24.12 1.55
C GLU A 69 -9.39 -24.37 0.07
N THR A 70 -8.11 -24.22 -0.25
CA THR A 70 -7.65 -24.17 -1.63
C THR A 70 -7.79 -25.50 -2.40
N ALA A 71 -8.01 -26.63 -1.71
CA ALA A 71 -8.24 -27.89 -2.43
C ALA A 71 -9.60 -27.80 -3.14
N THR A 72 -10.49 -26.92 -2.66
CA THR A 72 -11.76 -26.63 -3.33
C THR A 72 -11.70 -25.35 -4.13
N TYR A 73 -11.06 -24.32 -3.57
CA TYR A 73 -10.99 -23.00 -4.17
C TYR A 73 -9.56 -22.58 -4.39
N SER A 74 -9.01 -22.92 -5.55
CA SER A 74 -7.59 -22.67 -5.77
C SER A 74 -7.34 -21.18 -6.06
N VAL A 75 -8.31 -20.53 -6.69
CA VAL A 75 -8.18 -19.13 -7.07
C VAL A 75 -9.40 -18.32 -6.67
N ALA A 76 -9.18 -17.01 -6.55
CA ALA A 76 -10.23 -16.00 -6.41
C ALA A 76 -10.16 -15.15 -7.68
N THR A 77 -11.30 -14.80 -8.25
CA THR A 77 -11.34 -14.16 -9.57
C THR A 77 -12.11 -12.85 -9.43
N VAL A 78 -11.54 -11.77 -9.96
CA VAL A 78 -12.23 -10.48 -9.97
C VAL A 78 -12.50 -10.15 -11.42
N THR A 79 -13.72 -9.74 -11.71
CA THR A 79 -14.12 -9.37 -13.07
CA THR A 79 -14.11 -9.37 -13.06
C THR A 79 -14.74 -7.98 -13.05
N VAL A 80 -14.36 -7.17 -14.03
CA VAL A 80 -14.73 -5.75 -14.05
C VAL A 80 -14.94 -5.35 -15.49
N PRO A 81 -16.13 -4.85 -15.83
CA PRO A 81 -16.33 -4.33 -17.20
C PRO A 81 -15.55 -3.06 -17.35
N VAL A 82 -14.95 -2.87 -18.50
CA VAL A 82 -14.08 -1.73 -18.73
C VAL A 82 -14.46 -1.07 -20.07
N ASP A 83 -14.34 0.26 -20.14
CA ASP A 83 -14.50 1.01 -21.38
C ASP A 83 -13.13 1.10 -22.08
N LEU A 84 -12.89 0.24 -23.07
CA LEU A 84 -11.59 0.20 -23.72
C LEU A 84 -11.23 1.51 -24.44
N ALA A 85 -12.23 2.22 -24.97
CA ALA A 85 -11.99 3.50 -25.63
C ALA A 85 -11.55 4.58 -24.64
N ALA A 86 -12.10 4.54 -23.44
CA ALA A 86 -11.72 5.49 -22.39
C ALA A 86 -10.27 5.23 -22.00
N VAL A 87 -9.88 3.96 -21.89
CA VAL A 87 -8.48 3.63 -21.57
C VAL A 87 -7.55 4.05 -22.71
N ALA A 88 -7.94 3.74 -23.95
CA ALA A 88 -7.17 4.13 -25.14
C ALA A 88 -6.97 5.65 -25.25
N GLY A 89 -7.96 6.42 -24.83
CA GLY A 89 -7.92 7.88 -24.94
C GLY A 89 -7.07 8.57 -23.89
N LEU A 90 -6.57 7.82 -22.91
CA LEU A 90 -5.63 8.36 -21.92
C LEU A 90 -4.32 8.72 -22.58
N ALA A 91 -3.91 9.98 -22.40
CA ALA A 91 -2.61 10.44 -22.84
C ALA A 91 -1.58 9.79 -21.93
N VAL A 92 -0.35 9.65 -22.42
CA VAL A 92 0.73 9.07 -21.62
C VAL A 92 0.91 9.97 -20.39
N GLY A 93 0.94 9.36 -19.21
CA GLY A 93 1.03 10.08 -17.94
C GLY A 93 -0.31 10.46 -17.33
N GLU A 94 -1.38 10.48 -18.12
CA GLU A 94 -2.71 10.83 -17.64
C GLU A 94 -3.38 9.72 -16.80
N ASP A 95 -4.10 10.12 -15.76
CA ASP A 95 -4.93 9.18 -15.00
C ASP A 95 -6.42 9.49 -15.16
N LEU A 97 -10.26 8.36 -12.80
CA LEU A 97 -10.94 7.55 -11.79
C LEU A 97 -12.05 6.79 -12.44
N VAL A 98 -12.19 5.53 -12.09
CA VAL A 98 -13.22 4.69 -12.67
C VAL A 98 -13.99 4.08 -11.50
N ASP A 99 -15.29 4.34 -11.46
CA ASP A 99 -16.17 3.78 -10.45
C ASP A 99 -16.58 2.38 -10.93
N VAL A 100 -16.29 1.34 -10.16
CA VAL A 100 -16.56 -0.03 -10.60
C VAL A 100 -17.45 -0.77 -9.61
N SER A 101 -18.27 -1.66 -10.16
CA SER A 101 -18.93 -2.72 -9.42
C SER A 101 -18.19 -3.98 -9.85
N ALA A 102 -17.08 -4.28 -9.16
CA ALA A 102 -16.27 -5.45 -9.52
C ALA A 102 -16.83 -6.72 -8.85
N THR A 103 -16.95 -7.82 -9.60
CA THR A 103 -17.35 -9.08 -8.97
C THR A 103 -16.12 -9.82 -8.44
N LEU A 104 -16.18 -10.21 -7.17
CA LEU A 104 -15.12 -10.98 -6.54
C LEU A 104 -15.69 -12.34 -6.27
N ASP A 105 -15.13 -13.34 -6.92
CA ASP A 105 -15.49 -14.71 -6.63
C ASP A 105 -14.44 -15.28 -5.69
N LEU A 106 -14.79 -15.35 -4.41
CA LEU A 106 -13.87 -15.82 -3.36
C LEU A 106 -14.55 -16.79 -2.43
N HIS A 107 -13.87 -17.90 -2.15
CA HIS A 107 -14.39 -18.88 -1.20
C HIS A 107 -15.81 -19.34 -1.50
N GLY A 108 -16.10 -19.50 -2.78
CA GLY A 108 -17.38 -19.98 -3.23
C GLY A 108 -18.54 -19.01 -3.07
N VAL A 109 -18.27 -17.72 -2.86
CA VAL A 109 -19.30 -16.71 -2.71
C VAL A 109 -19.01 -15.49 -3.57
N PRO A 110 -19.61 -15.40 -4.77
CA PRO A 110 -19.41 -14.17 -5.57
C PRO A 110 -20.12 -12.98 -4.94
N GLY A 111 -19.45 -11.84 -4.88
CA GLY A 111 -20.03 -10.63 -4.31
C GLY A 111 -19.51 -9.43 -5.05
N VAL A 112 -20.13 -8.29 -4.87
CA VAL A 112 -19.73 -7.10 -5.63
C VAL A 112 -18.91 -6.19 -4.73
N ILE A 113 -17.77 -5.74 -5.23
CA ILE A 113 -16.99 -4.68 -4.59
C ILE A 113 -17.24 -3.38 -5.35
N ASP A 114 -17.93 -2.45 -4.69
CA ASP A 114 -18.19 -1.13 -5.23
C ASP A 114 -17.11 -0.21 -4.74
N THR A 115 -16.22 0.19 -5.65
CA THR A 115 -15.07 0.96 -5.23
C THR A 115 -14.65 1.81 -6.41
N GLN A 116 -13.61 2.62 -6.21
CA GLN A 116 -13.04 3.45 -7.24
C GLN A 116 -11.60 3.01 -7.54
N LEU A 117 -11.28 2.88 -8.82
CA LEU A 117 -9.95 2.55 -9.28
C LEU A 117 -9.30 3.78 -9.90
N ASN A 118 -7.97 3.82 -9.81
CA ASN A 118 -7.17 4.79 -10.51
C ASN A 118 -6.55 4.03 -11.66
N VAL A 119 -6.71 4.58 -12.85
CA VAL A 119 -6.11 4.04 -14.07
C VAL A 119 -5.20 5.11 -14.65
N GLN A 120 -3.92 4.79 -14.80
CA GLN A 120 -2.94 5.73 -15.38
C GLN A 120 -2.17 5.11 -16.52
N ARG A 121 -2.04 5.84 -17.62
CA ARG A 121 -1.27 5.34 -18.77
C ARG A 121 0.20 5.67 -18.55
N LEU A 122 1.04 4.66 -18.67
CA LEU A 122 2.49 4.79 -18.53
C LEU A 122 3.24 4.88 -19.85
N SER A 123 2.71 4.25 -20.90
CA SER A 123 3.32 4.25 -22.22
C SER A 123 2.23 3.96 -23.24
N ALA A 124 2.61 3.90 -24.53
CA ALA A 124 1.68 3.52 -25.62
C ALA A 124 1.02 2.16 -25.40
N THR A 125 1.66 1.28 -24.64
CA THR A 125 1.17 -0.09 -24.38
C THR A 125 0.82 -0.41 -22.91
N ARG A 126 1.25 0.41 -21.97
CA ARG A 126 1.19 0.00 -20.55
C ARG A 126 0.31 0.89 -19.72
N ILE A 127 -0.50 0.25 -18.87
CA ILE A 127 -1.35 0.96 -17.93
C ILE A 127 -1.18 0.39 -16.51
N VAL A 129 -3.12 0.05 -12.81
CA VAL A 129 -4.45 0.04 -12.18
C VAL A 129 -4.30 -0.27 -10.70
N GLN A 130 -4.84 0.62 -9.87
CA GLN A 130 -4.70 0.47 -8.43
C GLN A 130 -5.96 0.98 -7.72
N ASN A 131 -6.20 0.48 -6.52
CA ASN A 131 -7.34 0.95 -5.75
C ASN A 131 -7.07 2.41 -5.38
N GLN A 132 -8.03 3.29 -5.67
CA GLN A 132 -7.85 4.74 -5.43
C GLN A 132 -7.89 5.02 -3.94
N SER A 133 -8.76 4.32 -3.25
CA SER A 133 -9.04 4.53 -1.84
C SER A 133 -8.73 3.30 -1.06
N PRO A 134 -8.50 3.46 0.24
CA PRO A 134 -8.38 2.25 1.02
C PRO A 134 -9.62 1.39 0.82
N LEU A 135 -9.41 0.09 0.76
CA LEU A 135 -10.41 -0.90 0.40
C LEU A 135 -10.41 -1.94 1.53
N LEU A 136 -11.57 -2.20 2.10
CA LEU A 136 -11.73 -3.22 3.15
C LEU A 136 -12.59 -4.39 2.67
N ILE A 137 -12.16 -5.60 3.02
CA ILE A 137 -12.93 -6.82 2.82
C ILE A 137 -13.38 -7.31 4.20
N LYS A 138 -14.67 -7.66 4.33
CA LYS A 138 -15.19 -8.26 5.56
C LYS A 138 -15.27 -9.76 5.33
N ALA A 139 -14.60 -10.54 6.20
CA ALA A 139 -14.51 -11.99 6.04
C ALA A 139 -15.88 -12.62 5.91
N ALA A 140 -16.85 -12.10 6.65
CA ALA A 140 -18.15 -12.75 6.73
C ALA A 140 -18.90 -12.62 5.41
N ASP A 141 -18.57 -11.60 4.63
CA ASP A 141 -19.15 -11.47 3.30
C ASP A 141 -18.79 -12.62 2.32
N TYR A 142 -17.74 -13.37 2.64
CA TYR A 142 -17.29 -14.52 1.81
C TYR A 142 -17.24 -15.81 2.63
N SER A 143 -18.04 -15.86 3.71
CA SER A 143 -18.10 -17.02 4.60
C SER A 143 -16.71 -17.49 5.05
N LEU A 144 -15.85 -16.53 5.37
CA LEU A 144 -14.51 -16.78 5.89
C LEU A 144 -14.34 -16.56 7.38
N GLU A 145 -15.42 -16.25 8.10
CA GLU A 145 -15.29 -15.94 9.52
C GLU A 145 -15.01 -17.22 10.32
N ALA A 146 -15.55 -18.37 9.88
CA ALA A 146 -15.26 -19.65 10.53
C ALA A 146 -13.79 -19.97 10.39
N GLY A 147 -13.25 -19.76 9.19
CA GLY A 147 -11.80 -19.92 8.96
C GLY A 147 -10.93 -19.08 9.89
N ILE A 148 -11.30 -17.82 10.07
CA ILE A 148 -10.53 -16.92 10.94
C ILE A 148 -10.58 -17.44 12.37
N GLU A 149 -11.76 -17.90 12.80
CA GLU A 149 -11.89 -18.43 14.14
C GLU A 149 -11.03 -19.69 14.31
N THR A 150 -10.90 -20.51 13.27
CA THR A 150 -10.05 -21.68 13.35
C THR A 150 -8.59 -21.26 13.50
N LEU A 151 -8.20 -20.24 12.74
CA LEU A 151 -6.83 -19.72 12.84
C LEU A 151 -6.56 -19.15 14.22
N ARG A 152 -7.52 -18.42 14.77
CA ARG A 152 -7.37 -17.82 16.09
C ARG A 152 -7.10 -18.89 17.14
N ASN A 153 -7.93 -19.91 17.13
CA ASN A 153 -7.80 -21.05 18.03
C ASN A 153 -6.50 -21.85 17.86
N LEU A 154 -6.08 -22.08 16.62
CA LEU A 154 -4.81 -22.77 16.35
C LEU A 154 -3.61 -21.99 16.88
N ALA A 155 -3.71 -20.66 16.86
CA ALA A 155 -2.59 -19.82 17.28
C ALA A 155 -2.69 -19.36 18.73
N SER A 156 -3.70 -19.84 19.46
CA SER A 156 -3.95 -19.44 20.84
C SER A 156 -4.01 -17.92 21.02
N LEU A 157 -4.68 -17.24 20.09
CA LEU A 157 -4.83 -15.79 20.14
C LEU A 157 -6.15 -15.37 20.78
N ASN A 158 -6.17 -14.22 21.44
CA ASN A 158 -7.42 -13.70 21.99
C ASN A 158 -8.38 -13.18 20.92
N VAL A 159 -7.84 -12.53 19.89
CA VAL A 159 -8.65 -11.95 18.83
C VAL A 159 -7.88 -11.78 17.51
N ILE A 160 -8.58 -12.06 16.41
CA ILE A 160 -8.12 -11.67 15.06
C ILE A 160 -9.25 -10.89 14.42
N SER A 161 -8.95 -9.77 13.77
CA SER A 161 -9.99 -8.95 13.13
C SER A 161 -10.55 -9.64 11.89
N THR A 162 -11.84 -9.46 11.67
CA THR A 162 -12.50 -10.05 10.51
C THR A 162 -12.58 -9.06 9.35
N THR A 163 -12.09 -7.84 9.58
CA THR A 163 -12.01 -6.80 8.55
C THR A 163 -10.58 -6.71 8.03
N VAL A 164 -10.42 -6.79 6.72
CA VAL A 164 -9.11 -6.96 6.11
C VAL A 164 -8.88 -5.94 5.00
N PRO A 165 -7.96 -4.98 5.23
CA PRO A 165 -7.59 -4.07 4.14
C PRO A 165 -6.89 -4.82 3.01
N VAL A 166 -7.16 -4.37 1.79
CA VAL A 166 -6.56 -4.96 0.59
C VAL A 166 -6.08 -3.80 -0.25
N ASP A 167 -4.87 -3.94 -0.79
CA ASP A 167 -4.28 -2.96 -1.70
C ASP A 167 -3.63 -3.67 -2.85
N PHE A 168 -3.65 -3.06 -4.04
CA PHE A 168 -3.03 -3.67 -5.21
C PHE A 168 -2.55 -2.64 -6.19
N VAL A 169 -1.48 -2.99 -6.90
CA VAL A 169 -1.01 -2.21 -8.04
C VAL A 169 -0.79 -3.22 -9.16
N LEU A 170 -1.57 -3.07 -10.23
CA LEU A 170 -1.56 -4.00 -11.35
C LEU A 170 -1.10 -3.27 -12.59
N PHE A 171 -0.34 -3.97 -13.41
CA PHE A 171 0.16 -3.41 -14.65
C PHE A 171 -0.34 -4.31 -15.77
N TYR A 172 -1.07 -3.72 -16.69
CA TYR A 172 -1.59 -4.42 -17.84
C TYR A 172 -0.89 -3.90 -19.09
N GLU A 173 -0.57 -4.82 -20.01
CA GLU A 173 0.17 -4.47 -21.22
C GLU A 173 -0.56 -4.88 -22.48
N ALA A 174 -0.66 -3.96 -23.42
CA ALA A 174 -1.21 -4.26 -24.74
C ALA A 174 -0.15 -5.03 -25.51
N PRO A 175 -0.56 -5.87 -26.47
CA PRO A 175 0.41 -6.54 -27.37
C PRO A 175 1.47 -5.64 -28.02
N HIS A 176 2.74 -6.03 -27.88
CA HIS A 176 3.88 -5.33 -28.47
C HIS A 176 4.65 -6.31 -29.35
N LYS B 2 -0.12 30.07 10.39
CA LYS B 2 -1.50 29.59 10.09
C LYS B 2 -1.44 28.45 9.07
N LEU B 3 -2.27 27.46 9.27
CA LEU B 3 -2.27 26.32 8.38
C LEU B 3 -3.50 26.36 7.49
N ALA B 4 -3.27 26.28 6.18
CA ALA B 4 -4.35 26.02 5.22
C ALA B 4 -4.94 24.63 5.45
N TYR B 5 -4.07 23.66 5.77
CA TYR B 5 -4.46 22.32 6.17
C TYR B 5 -3.56 21.77 7.29
N SER B 6 -4.15 20.88 8.07
CA SER B 6 -3.41 20.11 9.12
CA SER B 6 -3.45 20.16 9.13
C SER B 6 -3.64 18.67 8.87
N LEU B 7 -2.57 17.89 9.03
CA LEU B 7 -2.65 16.44 8.89
C LEU B 7 -3.55 15.81 9.96
N ASP B 8 -4.53 15.02 9.52
CA ASP B 8 -5.36 14.23 10.39
C ASP B 8 -4.48 13.04 10.79
N ALA B 9 -3.78 13.18 11.89
CA ALA B 9 -2.65 12.31 12.15
C ALA B 9 -3.12 10.89 12.36
N THR B 10 -4.19 10.69 13.12
CA THR B 10 -4.60 9.33 13.46
C THR B 10 -5.26 8.57 12.29
N ALA B 11 -5.70 9.28 11.25
CA ALA B 11 -6.31 8.67 10.05
C ALA B 11 -5.26 8.30 9.03
N SER B 12 -4.09 8.93 9.14
CA SER B 12 -3.02 8.82 8.15
C SER B 12 -2.06 7.67 8.48
N PHE B 13 -1.45 7.07 7.46
CA PHE B 13 -0.35 6.12 7.68
C PHE B 13 0.79 6.28 6.67
N LEU B 14 1.96 5.82 7.08
CA LEU B 14 3.12 5.66 6.21
C LEU B 14 3.76 4.33 6.56
N ASN B 15 3.94 3.49 5.55
CA ASN B 15 4.48 2.15 5.70
C ASN B 15 5.81 2.03 4.99
N PHE B 16 6.63 1.07 5.41
CA PHE B 16 7.85 0.76 4.66
C PHE B 16 8.11 -0.74 4.76
N VAL B 17 8.78 -1.28 3.74
CA VAL B 17 8.92 -2.73 3.61
C VAL B 17 10.39 -3.15 3.68
N SER B 18 10.68 -4.11 4.57
CA SER B 18 11.98 -4.72 4.66
C SER B 18 11.89 -6.09 4.05
N SER B 19 13.05 -6.64 3.72
CA SER B 19 13.15 -8.01 3.29
C SER B 19 14.43 -8.63 3.85
N LYS B 20 14.26 -9.75 4.55
CA LYS B 20 15.38 -10.51 5.06
C LYS B 20 15.33 -11.89 4.40
N LYS B 21 16.48 -12.53 4.27
CA LYS B 21 16.55 -13.84 3.60
C LYS B 21 16.00 -13.76 2.15
N THR B 22 15.10 -14.69 1.76
CA THR B 22 14.67 -14.93 0.36
C THR B 22 13.17 -14.66 0.08
N HIS B 23 12.83 -13.67 -0.75
CA HIS B 23 11.42 -13.40 -1.10
C HIS B 23 10.50 -13.14 0.15
N VAL B 24 11.06 -12.66 1.27
CA VAL B 24 10.30 -12.48 2.53
C VAL B 24 10.16 -11.02 2.95
N LEU B 25 9.01 -10.44 2.63
CA LEU B 25 8.74 -9.02 2.87
C LEU B 25 7.94 -8.81 4.15
N GLU B 26 8.36 -7.82 4.94
CA GLU B 26 7.62 -7.35 6.11
C GLU B 26 7.29 -5.88 5.96
N THR B 27 6.03 -5.51 6.20
CA THR B 27 5.60 -4.11 6.16
C THR B 27 5.52 -3.56 7.56
N HIS B 28 6.25 -2.48 7.81
CA HIS B 28 6.29 -1.84 9.12
C HIS B 28 5.66 -0.48 8.98
N ARG B 29 5.39 0.20 10.09
CA ARG B 29 4.69 1.48 10.02
C ARG B 29 5.22 2.40 11.10
N PHE B 30 4.88 3.67 10.98
CA PHE B 30 5.14 4.65 12.03
C PHE B 30 3.79 5.02 12.62
N ASP B 31 3.64 4.81 13.93
CA ASP B 31 2.34 5.03 14.54
C ASP B 31 2.04 6.52 14.73
N VAL B 32 3.07 7.35 14.66
CA VAL B 32 2.88 8.80 14.86
C VAL B 32 3.42 9.64 13.69
N LEU B 33 2.50 10.38 13.05
CA LEU B 33 2.83 11.31 11.99
C LEU B 33 2.20 12.64 12.33
N SER B 34 2.76 13.70 11.79
CA SER B 34 2.14 15.01 11.94
C SER B 34 2.45 15.81 10.68
N GLY B 35 1.80 16.94 10.55
CA GLY B 35 2.06 17.79 9.42
C GLY B 35 1.00 18.81 9.17
N GLY B 36 1.23 19.58 8.11
CA GLY B 36 0.33 20.61 7.70
C GLY B 36 0.76 21.20 6.40
N ILE B 37 -0.08 22.08 5.88
CA ILE B 37 0.23 22.89 4.73
C ILE B 37 0.05 24.38 5.06
N SER B 38 1.10 25.16 4.84
CA SER B 38 1.07 26.59 5.15
C SER B 38 0.19 27.34 4.17
N THR B 39 -0.20 28.58 4.52
CA THR B 39 -0.96 29.41 3.58
C THR B 39 -0.17 29.76 2.32
N ALA B 40 1.16 29.68 2.39
CA ALA B 40 2.01 29.91 1.22
C ALA B 40 2.22 28.66 0.39
N GLY B 41 1.63 27.54 0.81
CA GLY B 41 1.75 26.30 0.08
C GLY B 41 2.98 25.45 0.40
N GLU B 42 3.54 25.61 1.60
CA GLU B 42 4.60 24.70 2.02
C GLU B 42 3.97 23.55 2.81
N ALA B 43 3.96 22.37 2.19
CA ALA B 43 3.41 21.15 2.76
C ALA B 43 4.51 20.46 3.52
N GLN B 44 4.15 19.85 4.62
CA GLN B 44 5.08 19.15 5.46
C GLN B 44 4.46 17.87 6.03
N LEU B 45 5.29 16.83 6.11
CA LEU B 45 5.01 15.61 6.86
C LEU B 45 6.21 15.32 7.78
N VAL B 46 5.91 15.13 9.06
CA VAL B 46 6.92 14.83 10.07
C VAL B 46 6.66 13.38 10.56
N ILE B 47 7.65 12.52 10.40
CA ILE B 47 7.53 11.13 10.75
C ILE B 47 8.28 10.97 12.07
N ASP B 48 7.56 10.54 13.09
CA ASP B 48 8.12 10.33 14.44
C ASP B 48 8.81 8.96 14.47
N LEU B 49 10.13 8.98 14.41
CA LEU B 49 10.89 7.73 14.27
C LEU B 49 10.86 6.89 15.56
N ASN B 50 10.58 7.52 16.71
CA ASN B 50 10.35 6.77 17.95
C ASN B 50 9.05 5.96 17.92
N SER B 51 8.19 6.19 16.92
CA SER B 51 6.90 5.49 16.80
C SER B 51 6.94 4.30 15.85
N VAL B 52 8.15 3.92 15.45
CA VAL B 52 8.31 2.79 14.57
C VAL B 52 7.66 1.56 15.21
N ASN B 53 6.88 0.86 14.39
CA ASN B 53 6.10 -0.25 14.84
C ASN B 53 6.25 -1.44 13.87
N THR B 54 7.02 -2.43 14.30
CA THR B 54 7.28 -3.61 13.47
C THR B 54 6.59 -4.83 14.03
N GLY B 55 5.75 -4.65 15.04
CA GLY B 55 5.09 -5.75 15.73
C GLY B 55 5.87 -6.38 16.87
N ILE B 56 7.19 -6.21 16.86
CA ILE B 56 8.08 -6.85 17.84
C ILE B 56 8.77 -5.76 18.65
N ASP B 57 8.46 -5.70 19.96
CA ASP B 57 8.98 -4.64 20.84
C ASP B 57 10.52 -4.56 20.76
N VAL B 58 11.18 -5.70 20.90
CA VAL B 58 12.65 -5.71 20.90
C VAL B 58 13.18 -5.23 19.55
N ARG B 59 12.51 -5.58 18.45
CA ARG B 59 12.98 -5.11 17.16
C ARG B 59 12.73 -3.61 17.04
N ASN B 60 11.59 -3.12 17.54
CA ASN B 60 11.32 -1.69 17.57
C ASN B 60 12.47 -0.95 18.21
N GLY B 61 12.90 -1.41 19.37
CA GLY B 61 14.00 -0.77 20.07
C GLY B 61 15.32 -0.77 19.30
N ARG B 62 15.63 -1.89 18.67
CA ARG B 62 16.86 -1.97 17.87
C ARG B 62 16.81 -0.99 16.71
N ARG B 64 15.05 1.85 16.72
CA ARG B 64 15.23 3.19 17.29
C ARG B 64 16.72 3.44 17.62
N ASP B 65 17.38 2.47 18.25
CA ASP B 65 18.69 2.69 18.81
C ASP B 65 19.82 2.54 17.77
N TYR B 66 19.69 1.56 16.88
CA TYR B 66 20.77 1.20 15.94
C TYR B 66 20.57 1.62 14.50
N LEU B 67 19.31 1.79 14.08
CA LEU B 67 19.03 2.19 12.70
C LEU B 67 18.86 3.69 12.61
N PHE B 68 17.76 4.19 13.16
CA PHE B 68 17.42 5.62 13.06
C PHE B 68 18.21 6.49 14.03
N GLU B 69 18.68 5.89 15.13
CA GLU B 69 19.48 6.58 16.17
C GLU B 69 18.68 7.77 16.69
N THR B 70 17.50 7.44 17.21
CA THR B 70 16.49 8.47 17.51
C THR B 70 16.90 9.41 18.65
N ALA B 71 17.85 9.03 19.50
CA ALA B 71 18.37 9.97 20.49
C ALA B 71 18.97 11.23 19.81
N THR B 72 19.48 11.07 18.58
CA THR B 72 20.01 12.18 17.78
C THR B 72 19.00 12.67 16.73
N TYR B 73 18.31 11.72 16.11
CA TYR B 73 17.39 12.00 14.98
C TYR B 73 15.99 11.48 15.35
N SER B 74 15.22 12.31 16.04
CA SER B 74 13.92 11.87 16.56
C SER B 74 12.82 11.81 15.49
N VAL B 75 12.93 12.68 14.49
CA VAL B 75 11.96 12.76 13.39
C VAL B 75 12.65 12.81 12.04
N ALA B 76 11.93 12.37 11.00
CA ALA B 76 12.30 12.61 9.62
C ALA B 76 11.22 13.52 9.06
N THR B 77 11.63 14.47 8.24
CA THR B 77 10.76 15.54 7.82
C THR B 77 10.77 15.68 6.30
N VAL B 78 9.57 15.64 5.71
CA VAL B 78 9.37 15.84 4.30
C VAL B 78 8.75 17.22 4.13
N THR B 79 9.33 18.03 3.24
CA THR B 79 8.75 19.32 2.89
C THR B 79 8.66 19.42 1.37
N VAL B 80 7.53 19.95 0.89
CA VAL B 80 7.25 20.00 -0.55
C VAL B 80 6.43 21.25 -0.83
N PRO B 81 6.84 22.08 -1.81
CA PRO B 81 5.95 23.18 -2.18
C PRO B 81 4.76 22.67 -3.01
N VAL B 82 3.61 23.28 -2.76
CA VAL B 82 2.34 22.87 -3.35
C VAL B 82 1.53 24.08 -3.87
N ASP B 83 0.83 23.90 -5.00
CA ASP B 83 -0.08 24.91 -5.54
C ASP B 83 -1.42 24.85 -4.82
N LEU B 84 -1.60 25.75 -3.84
CA LEU B 84 -2.81 25.71 -2.99
C LEU B 84 -4.09 26.08 -3.79
N ALA B 85 -3.97 27.00 -4.75
CA ALA B 85 -5.12 27.35 -5.60
C ALA B 85 -5.61 26.10 -6.34
N ALA B 86 -4.69 25.33 -6.91
CA ALA B 86 -5.04 24.09 -7.61
C ALA B 86 -5.77 23.13 -6.67
N VAL B 87 -5.28 23.03 -5.44
CA VAL B 87 -5.95 22.22 -4.43
C VAL B 87 -7.33 22.79 -4.06
N ALA B 88 -7.40 24.11 -3.83
CA ALA B 88 -8.67 24.78 -3.52
C ALA B 88 -9.71 24.58 -4.63
N GLY B 89 -9.23 24.55 -5.86
CA GLY B 89 -10.08 24.37 -7.02
C GLY B 89 -10.55 22.97 -7.29
N LEU B 90 -10.00 21.96 -6.61
CA LEU B 90 -10.41 20.58 -6.79
CA LEU B 90 -10.41 20.59 -6.80
C LEU B 90 -11.83 20.35 -6.26
N ALA B 91 -12.74 19.90 -7.14
CA ALA B 91 -14.13 19.65 -6.73
C ALA B 91 -14.19 18.44 -5.81
N VAL B 92 -15.18 18.38 -4.92
CA VAL B 92 -15.36 17.21 -4.06
C VAL B 92 -15.51 15.96 -4.95
N GLY B 93 -14.69 14.94 -4.69
CA GLY B 93 -14.72 13.66 -5.46
C GLY B 93 -13.63 13.53 -6.53
N GLU B 94 -13.06 14.68 -6.89
CA GLU B 94 -12.15 14.84 -8.05
C GLU B 94 -10.69 14.64 -7.59
N ASP B 95 -9.88 13.99 -8.44
CA ASP B 95 -8.47 13.85 -8.16
C ASP B 95 -7.61 14.63 -9.14
N LEU B 97 -3.18 14.66 -10.37
CA LEU B 97 -1.79 14.28 -10.19
C LEU B 97 -0.97 15.53 -9.96
N VAL B 98 -0.08 15.47 -8.98
CA VAL B 98 0.81 16.58 -8.67
C VAL B 98 2.24 16.10 -8.74
N ASP B 99 3.05 16.72 -9.61
CA ASP B 99 4.45 16.40 -9.69
C ASP B 99 5.19 17.20 -8.64
N VAL B 100 5.92 16.52 -7.78
CA VAL B 100 6.58 17.18 -6.67
C VAL B 100 8.08 16.92 -6.69
N SER B 101 8.81 17.87 -6.12
CA SER B 101 10.16 17.64 -5.68
C SER B 101 10.14 17.87 -4.17
N ALA B 102 10.21 16.80 -3.41
CA ALA B 102 10.13 16.86 -1.96
C ALA B 102 11.51 16.69 -1.37
N THR B 103 11.80 17.38 -0.28
CA THR B 103 13.04 17.15 0.45
C THR B 103 12.73 16.22 1.59
N LEU B 104 13.51 15.15 1.73
CA LEU B 104 13.40 14.26 2.87
C LEU B 104 14.63 14.42 3.75
N ASP B 105 14.43 14.90 4.96
CA ASP B 105 15.49 15.05 5.95
C ASP B 105 15.40 13.82 6.85
N LEU B 106 16.30 12.87 6.61
CA LEU B 106 16.29 11.56 7.27
C LEU B 106 17.70 11.18 7.68
N HIS B 107 17.85 10.85 8.96
CA HIS B 107 19.14 10.41 9.49
C HIS B 107 20.27 11.41 9.19
N GLY B 108 19.93 12.70 9.29
CA GLY B 108 20.89 13.78 9.15
C GLY B 108 21.37 14.01 7.71
N VAL B 109 20.63 13.48 6.74
CA VAL B 109 20.95 13.63 5.32
C VAL B 109 19.71 14.17 4.59
N PRO B 110 19.85 15.32 3.91
CA PRO B 110 18.78 15.77 3.02
C PRO B 110 18.77 15.02 1.69
N GLY B 111 17.65 14.41 1.34
CA GLY B 111 17.52 13.79 0.03
C GLY B 111 16.47 14.55 -0.73
N VAL B 112 16.48 14.40 -2.05
CA VAL B 112 15.46 14.96 -2.92
C VAL B 112 14.67 13.79 -3.50
N ILE B 113 13.34 13.90 -3.45
CA ILE B 113 12.48 12.86 -3.98
C ILE B 113 11.58 13.44 -5.05
N ASP B 114 11.88 13.09 -6.30
CA ASP B 114 11.17 13.57 -7.45
C ASP B 114 10.11 12.53 -7.74
N THR B 115 8.85 12.83 -7.40
CA THR B 115 7.77 11.87 -7.62
C THR B 115 6.43 12.53 -7.96
N GLN B 116 5.43 11.68 -8.19
CA GLN B 116 4.12 12.12 -8.52
C GLN B 116 3.20 11.72 -7.38
N LEU B 117 2.39 12.66 -6.93
CA LEU B 117 1.44 12.39 -5.87
C LEU B 117 0.05 12.47 -6.45
N ASN B 118 -0.84 11.66 -5.89
CA ASN B 118 -2.26 11.73 -6.17
C ASN B 118 -2.92 12.50 -5.05
N VAL B 119 -3.73 13.49 -5.42
CA VAL B 119 -4.51 14.27 -4.46
C VAL B 119 -5.97 14.16 -4.85
N GLN B 120 -6.81 13.74 -3.91
CA GLN B 120 -8.26 13.61 -4.17
C GLN B 120 -9.01 14.33 -3.07
N ARG B 121 -10.01 15.13 -3.45
CA ARG B 121 -10.80 15.84 -2.44
C ARG B 121 -11.94 14.96 -1.98
N LEU B 122 -12.06 14.81 -0.66
CA LEU B 122 -13.09 13.94 -0.07
C LEU B 122 -14.30 14.70 0.46
N SER B 123 -14.08 15.96 0.85
CA SER B 123 -15.14 16.83 1.33
C SER B 123 -14.68 18.27 1.11
N ALA B 124 -15.51 19.23 1.48
CA ALA B 124 -15.18 20.64 1.32
C ALA B 124 -13.88 21.00 2.07
N THR B 125 -13.56 20.24 3.13
CA THR B 125 -12.40 20.54 3.96
C THR B 125 -11.32 19.44 3.97
N ARG B 126 -11.50 18.33 3.28
CA ARG B 126 -10.59 17.19 3.45
C ARG B 126 -10.04 16.65 2.14
N ILE B 127 -8.72 16.48 2.10
CA ILE B 127 -8.08 15.91 0.92
C ILE B 127 -7.27 14.68 1.33
N VAL B 129 -3.96 12.46 0.24
CA VAL B 129 -2.75 12.51 -0.53
C VAL B 129 -1.98 11.21 -0.40
N GLN B 130 -1.61 10.64 -1.54
CA GLN B 130 -0.90 9.37 -1.55
C GLN B 130 0.12 9.32 -2.68
N ASN B 131 1.07 8.41 -2.57
CA ASN B 131 2.02 8.23 -3.66
C ASN B 131 1.29 7.59 -4.85
N GLN B 132 1.37 8.23 -6.02
CA GLN B 132 0.70 7.72 -7.23
C GLN B 132 1.37 6.46 -7.71
N SER B 133 2.66 6.33 -7.51
CA SER B 133 3.34 5.12 -7.90
C SER B 133 4.25 4.59 -6.81
N PRO B 134 4.61 3.30 -6.89
CA PRO B 134 5.55 2.71 -5.97
C PRO B 134 6.78 3.60 -5.79
N LEU B 135 7.16 3.81 -4.53
CA LEU B 135 8.24 4.71 -4.15
C LEU B 135 9.30 3.87 -3.41
N LEU B 136 10.58 4.09 -3.75
CA LEU B 136 11.71 3.36 -3.13
C LEU B 136 12.72 4.32 -2.49
N ILE B 137 13.19 3.94 -1.32
CA ILE B 137 14.27 4.63 -0.62
C ILE B 137 15.47 3.69 -0.65
N LYS B 138 16.63 4.22 -1.03
CA LYS B 138 17.89 3.46 -0.97
C LYS B 138 18.62 3.85 0.33
N ALA B 139 18.87 2.87 1.20
CA ALA B 139 19.40 3.17 2.53
C ALA B 139 20.69 4.00 2.48
N ALA B 140 21.53 3.74 1.46
CA ALA B 140 22.79 4.45 1.27
C ALA B 140 22.60 5.93 1.14
N ASP B 141 21.49 6.34 0.54
CA ASP B 141 21.22 7.76 0.32
C ASP B 141 21.05 8.54 1.64
N TYR B 142 20.78 7.87 2.75
CA TYR B 142 20.58 8.52 4.04
C TYR B 142 21.53 7.95 5.12
N SER B 143 22.66 7.38 4.68
CA SER B 143 23.66 6.78 5.57
C SER B 143 23.05 5.78 6.56
N LEU B 144 22.18 4.92 6.05
CA LEU B 144 21.49 3.94 6.86
C LEU B 144 21.97 2.52 6.62
N GLU B 145 22.93 2.31 5.73
CA GLU B 145 23.39 0.95 5.44
CA GLU B 145 23.40 0.95 5.45
C GLU B 145 24.03 0.28 6.67
N ALA B 146 24.78 1.05 7.45
CA ALA B 146 25.46 0.53 8.65
C ALA B 146 24.46 0.08 9.71
N GLY B 147 23.40 0.85 9.87
CA GLY B 147 22.31 0.48 10.75
C GLY B 147 21.64 -0.82 10.31
N ILE B 148 21.42 -0.99 9.02
CA ILE B 148 20.83 -2.25 8.52
C ILE B 148 21.76 -3.41 8.84
N GLU B 149 23.06 -3.20 8.64
CA GLU B 149 24.03 -4.27 8.93
C GLU B 149 24.05 -4.63 10.43
N THR B 150 23.89 -3.64 11.29
CA THR B 150 23.87 -3.88 12.74
C THR B 150 22.70 -4.79 13.08
N LEU B 151 21.55 -4.52 12.47
CA LEU B 151 20.34 -5.32 12.68
C LEU B 151 20.54 -6.73 12.12
N ARG B 152 21.16 -6.84 10.95
CA ARG B 152 21.45 -8.16 10.34
C ARG B 152 22.23 -9.06 11.30
N ASN B 153 23.28 -8.50 11.89
CA ASN B 153 24.13 -9.29 12.79
C ASN B 153 23.54 -9.53 14.18
N LEU B 154 22.74 -8.60 14.68
CA LEU B 154 22.05 -8.80 15.96
C LEU B 154 20.98 -9.90 15.83
N ALA B 155 20.36 -9.97 14.65
CA ALA B 155 19.37 -11.03 14.35
C ALA B 155 19.99 -12.31 13.77
N SER B 156 21.32 -12.36 13.62
CA SER B 156 22.03 -13.51 13.00
C SER B 156 21.46 -13.91 11.61
N LEU B 157 21.12 -12.91 10.80
CA LEU B 157 20.55 -13.11 9.45
C LEU B 157 21.63 -13.11 8.37
N ASN B 158 21.29 -13.69 7.21
CA ASN B 158 22.20 -13.73 6.06
C ASN B 158 22.22 -12.44 5.24
N VAL B 159 21.06 -11.88 4.92
CA VAL B 159 21.00 -10.62 4.18
C VAL B 159 19.69 -9.91 4.53
N ILE B 160 19.77 -8.59 4.55
CA ILE B 160 18.60 -7.72 4.60
C ILE B 160 18.74 -6.75 3.43
N SER B 161 17.67 -6.53 2.68
CA SER B 161 17.76 -5.65 1.53
C SER B 161 17.93 -4.20 1.98
N THR B 162 18.69 -3.44 1.22
CA THR B 162 18.94 -2.03 1.51
C THR B 162 18.10 -1.07 0.66
N THR B 163 17.25 -1.62 -0.19
CA THR B 163 16.24 -0.82 -0.91
C THR B 163 14.89 -1.06 -0.25
N VAL B 164 14.21 0.02 0.11
CA VAL B 164 13.03 -0.03 0.95
C VAL B 164 11.82 0.66 0.30
N PRO B 165 10.81 -0.14 -0.12
CA PRO B 165 9.51 0.42 -0.57
C PRO B 165 8.81 1.22 0.53
N VAL B 166 8.30 2.42 0.19
CA VAL B 166 7.53 3.26 1.12
C VAL B 166 6.19 3.58 0.48
N ASP B 167 5.09 3.43 1.23
CA ASP B 167 3.78 3.88 0.77
C ASP B 167 3.11 4.69 1.86
N PHE B 168 2.27 5.64 1.47
CA PHE B 168 1.51 6.42 2.44
C PHE B 168 0.13 6.82 1.91
N VAL B 169 -0.82 6.96 2.84
CA VAL B 169 -2.10 7.62 2.61
C VAL B 169 -2.27 8.67 3.72
N LEU B 170 -2.25 9.95 3.31
CA LEU B 170 -2.33 11.08 4.22
C LEU B 170 -3.64 11.80 4.07
N PHE B 171 -4.24 12.19 5.18
CA PHE B 171 -5.46 12.98 5.14
C PHE B 171 -5.17 14.33 5.74
N TYR B 172 -5.43 15.38 4.96
CA TYR B 172 -5.25 16.75 5.40
C TYR B 172 -6.61 17.45 5.48
N GLU B 173 -6.80 18.21 6.56
CA GLU B 173 -8.06 18.94 6.83
C GLU B 173 -7.87 20.46 6.90
N ALA B 174 -8.78 21.19 6.29
CA ALA B 174 -8.78 22.65 6.40
C ALA B 174 -9.48 23.06 7.69
N PRO B 175 -9.38 24.35 8.09
CA PRO B 175 -9.99 24.87 9.34
C PRO B 175 -11.51 24.70 9.45
#